data_8IEW
#
_entry.id   8IEW
#
_cell.length_a   1.00
_cell.length_b   1.00
_cell.length_c   1.00
_cell.angle_alpha   90.00
_cell.angle_beta   90.00
_cell.angle_gamma   90.00
#
_symmetry.space_group_name_H-M   'P 1'
#
loop_
_entity.id
_entity.type
_entity.pdbx_description
1 polymer Cas005
2 polymer 'RNA (38-MER)'
3 polymer 'DNA (55-MER)'
4 polymer 'DNA (55-MER)'
#
loop_
_entity_poly.entity_id
_entity_poly.type
_entity_poly.pdbx_seq_one_letter_code
_entity_poly.pdbx_strand_id
1 'polypeptide(L)'
;MTPKTETPVGALIKKFFPGKRFQKNYLKDAGKKLKREGEAAAVEYLSGKQEDHPANFCPPAKVNILAQSRPLSEWPINLV
SKGVQEYVYGLTAAEREANGDFGTSRKSLDRWFARTGVPTHGYTTVQGLNLILRHTFNRYDGVIKKVETRNEKRRSKATR
INVSREADGLPPIEAEPEETAFGPDGKLKERPGINPSIYCYQQVSPVPYNPAKHPALPFSGVDPGAPLPLGTPNRLSIPK
GQPGYVPEWQRPHLSTKNKRIRKWYARANWRRKPGRKSVLDEAKLKEAALKEAIPIIVTIGKDWIVMDARGLLRAVYWRG
IAKPGLSLKELLGFFSGDPVLDPKRGIATFTFKLGAVAVHSRKPTRGKKSKELLLSMTAEKPHVGLVAIDLGQTNPVAAE
FSRVKREGETLQAEPLGQIVLPDDLVKDLTRYRRAWDATEEQIKAEAIVQLPEECRAEVVKVNQMSAEETKHLILDRGVS
GDLPWEKMTSNTTFISDHLLAKGVTDQVFFEKKSKGKKKGTETVKRKDYGWVKLLRPRLSQETRKAVNDKTWELKRASTE
YVRLSRRKTELARRCVNYIVRETKRWTQCEDIAIVIEDLNVRFFHGSGERPDGWDNFFISKRENRWFIQVLHKAFSDLAL
HRGLPVIEANPARTSITCIRCGHCDRNNRHGEMFLCLSCNDLRHADREIATRNLTRVAVTGEMIPRRIEPGEQSGDTKKA
RSARKGKKAVISKREAA
;
A
2 'polyribonucleotide' CUUGCUCGGUUCGCCGAGACUCCCCUACGUGCUGCUGA B
3 'polydeoxyribonucleotide'
;(DG)(DA)(DA)(DT)(DT)(DG)(DA)(DA)(DG)(DC)(DT)(DG)(DC)(DC)(DC)(DT)(DT)(DG)(DC)(DA)
(DA)(DC)(DT)(DT)(DC)(DA)(DG)(DC)(DA)(DG)(DC)(DA)(DC)(DG)(DT)(DA)(DG)(DG)(DG)(DG)
(DA)(DG)(DA)(DA)(DT)(DT)(DG)(DG)(DC)(DC)(DA)(DC)(DA)(DC)(DA)
;
C
4 'polydeoxyribonucleotide'
;(DT)(DG)(DT)(DG)(DT)(DG)(DG)(DC)(DC)(DA)(DA)(DT)(DT)(DC)(DT)(DC)(DC)(DC)(DC)(DT)
(DA)(DC)(DG)(DT)(DG)(DC)(DT)(DG)(DC)(DT)(DG)(DA)(DA)(DG)(DT)(DT)(DG)(DC)(DA)(DA)
(DG)(DG)(DG)(DC)(DA)(DG)(DC)(DT)(DT)(DC)(DA)(DA)(DT)(DT)(DC)
;
D
#
loop_
_chem_comp.id
_chem_comp.type
_chem_comp.name
_chem_comp.formula
A RNA linking ADENOSINE-5'-MONOPHOSPHATE 'C10 H14 N5 O7 P'
C RNA linking CYTIDINE-5'-MONOPHOSPHATE 'C9 H14 N3 O8 P'
DA DNA linking 2'-DEOXYADENOSINE-5'-MONOPHOSPHATE 'C10 H14 N5 O6 P'
DC DNA linking 2'-DEOXYCYTIDINE-5'-MONOPHOSPHATE 'C9 H14 N3 O7 P'
DG DNA linking 2'-DEOXYGUANOSINE-5'-MONOPHOSPHATE 'C10 H14 N5 O7 P'
DT DNA linking THYMIDINE-5'-MONOPHOSPHATE 'C10 H15 N2 O8 P'
G RNA linking GUANOSINE-5'-MONOPHOSPHATE 'C10 H14 N5 O8 P'
U RNA linking URIDINE-5'-MONOPHOSPHATE 'C9 H13 N2 O9 P'
#
# COMPACT_ATOMS: atom_id res chain seq x y z
N PRO A 54 -4.48 17.16 -15.20
CA PRO A 54 -4.95 17.30 -13.83
C PRO A 54 -4.40 16.23 -12.90
N ALA A 55 -4.09 16.60 -11.66
CA ALA A 55 -3.50 15.68 -10.71
C ALA A 55 -4.59 14.93 -9.96
N ASN A 56 -4.52 13.60 -9.97
CA ASN A 56 -5.60 12.80 -9.39
C ASN A 56 -5.09 11.61 -8.59
N PHE A 57 -3.88 11.66 -8.05
CA PHE A 57 -3.35 10.59 -7.22
C PHE A 57 -2.84 11.14 -5.91
N CYS A 58 -3.18 10.46 -4.82
CA CYS A 58 -2.81 10.89 -3.47
C CYS A 58 -2.15 9.72 -2.74
N PRO A 59 -0.82 9.66 -2.74
CA PRO A 59 -0.13 8.55 -2.07
C PRO A 59 -0.20 8.68 -0.55
N PRO A 60 0.04 7.60 0.18
CA PRO A 60 -0.05 7.65 1.64
C PRO A 60 1.25 8.10 2.31
N ALA A 61 1.13 8.40 3.59
CA ALA A 61 2.25 8.71 4.46
C ALA A 61 1.87 8.35 5.89
N LYS A 62 2.72 7.60 6.56
CA LYS A 62 2.39 6.99 7.84
C LYS A 62 3.18 7.61 8.97
N VAL A 63 2.55 7.74 10.14
CA VAL A 63 3.20 8.27 11.34
C VAL A 63 2.95 7.31 12.49
N ASN A 64 3.73 7.49 13.56
CA ASN A 64 3.69 6.62 14.72
C ASN A 64 2.97 7.31 15.88
N ILE A 65 2.16 6.54 16.60
CA ILE A 65 1.48 7.04 17.79
C ILE A 65 2.48 7.08 18.93
N LEU A 66 2.45 8.18 19.70
CA LEU A 66 3.33 8.31 20.85
C LEU A 66 2.58 8.13 22.18
N ALA A 67 1.39 8.69 22.31
CA ALA A 67 0.65 8.61 23.57
C ALA A 67 -0.83 8.54 23.30
N GLN A 68 -1.53 7.82 24.17
CA GLN A 68 -2.97 7.66 24.09
C GLN A 68 -3.59 7.99 25.45
N SER A 69 -4.82 8.50 25.42
CA SER A 69 -5.60 8.63 26.64
C SER A 69 -5.96 7.26 27.20
N ARG A 70 -6.50 6.39 26.36
CA ARG A 70 -6.71 4.99 26.67
C ARG A 70 -6.75 4.23 25.35
N PRO A 71 -6.54 2.92 25.37
CA PRO A 71 -6.41 2.17 24.12
C PRO A 71 -7.49 2.48 23.09
N LEU A 72 -7.08 2.49 21.82
CA LEU A 72 -7.95 2.91 20.73
C LEU A 72 -9.17 2.02 20.57
N SER A 73 -9.13 0.80 21.06
CA SER A 73 -10.25 -0.12 20.91
C SER A 73 -11.41 0.22 21.83
N GLU A 74 -11.17 0.99 22.88
CA GLU A 74 -12.21 1.33 23.85
C GLU A 74 -12.90 2.65 23.54
N TRP A 75 -12.53 3.31 22.45
CA TRP A 75 -13.17 4.57 22.12
C TRP A 75 -14.63 4.33 21.72
N PRO A 76 -15.54 5.24 22.07
CA PRO A 76 -16.93 5.08 21.60
C PRO A 76 -17.06 5.06 20.09
N ILE A 77 -16.17 5.72 19.34
CA ILE A 77 -16.22 5.65 17.88
C ILE A 77 -15.99 4.22 17.42
N ASN A 78 -15.00 3.53 18.00
CA ASN A 78 -14.72 2.16 17.62
C ASN A 78 -15.85 1.23 18.03
N LEU A 79 -16.40 1.41 19.24
CA LEU A 79 -17.48 0.54 19.70
C LEU A 79 -18.72 0.69 18.84
N VAL A 80 -19.09 1.92 18.47
CA VAL A 80 -20.25 2.11 17.61
C VAL A 80 -19.99 1.56 16.22
N SER A 81 -18.75 1.67 15.72
CA SER A 81 -18.44 1.09 14.43
C SER A 81 -18.60 -0.41 14.46
N LYS A 82 -18.10 -1.06 15.52
CA LYS A 82 -18.22 -2.51 15.64
C LYS A 82 -19.68 -2.93 15.74
N GLY A 83 -20.47 -2.19 16.53
CA GLY A 83 -21.88 -2.54 16.66
C GLY A 83 -22.64 -2.41 15.34
N VAL A 84 -22.44 -1.30 14.65
CA VAL A 84 -23.12 -1.08 13.37
C VAL A 84 -22.71 -2.16 12.37
N GLN A 85 -21.41 -2.46 12.30
CA GLN A 85 -20.93 -3.48 11.36
C GLN A 85 -21.50 -4.85 11.68
N GLU A 86 -21.55 -5.22 12.96
CA GLU A 86 -22.14 -6.49 13.34
C GLU A 86 -23.61 -6.55 12.97
N TYR A 87 -24.39 -5.48 13.05
CA TYR A 87 -25.85 -5.56 12.83
C TYR A 87 -26.15 -5.57 11.36
N VAL A 88 -25.46 -4.74 10.65
CA VAL A 88 -25.84 -4.70 9.24
C VAL A 88 -25.50 -6.00 8.53
N TYR A 89 -24.37 -6.62 8.86
CA TYR A 89 -23.91 -7.78 8.11
C TYR A 89 -24.81 -8.99 8.33
N GLY A 90 -25.30 -9.19 9.54
CA GLY A 90 -26.12 -10.35 9.84
C GLY A 90 -27.62 -10.12 9.68
N LEU A 91 -28.02 -9.44 8.63
CA LEU A 91 -29.44 -9.19 8.38
C LEU A 91 -29.77 -9.53 6.94
N THR A 92 -30.93 -10.16 6.75
CA THR A 92 -31.28 -10.76 5.48
C THR A 92 -31.51 -9.69 4.41
N ALA A 93 -31.61 -10.15 3.17
CA ALA A 93 -31.76 -9.23 2.04
C ALA A 93 -33.05 -8.44 2.14
N ALA A 94 -34.12 -9.05 2.62
CA ALA A 94 -35.40 -8.36 2.68
C ALA A 94 -35.36 -7.17 3.62
N GLU A 95 -34.74 -7.33 4.78
CA GLU A 95 -34.73 -6.27 5.78
C GLU A 95 -33.63 -5.25 5.56
N ARG A 96 -32.74 -5.43 4.58
CA ARG A 96 -31.79 -4.38 4.27
C ARG A 96 -32.48 -3.14 3.73
N GLU A 97 -33.48 -3.33 2.86
CA GLU A 97 -34.25 -2.20 2.38
C GLU A 97 -34.97 -1.50 3.52
N ALA A 98 -35.47 -2.27 4.49
CA ALA A 98 -36.17 -1.68 5.61
C ALA A 98 -35.22 -0.88 6.51
N ASN A 99 -34.05 -1.45 6.79
CA ASN A 99 -33.07 -0.74 7.63
C ASN A 99 -32.05 -0.04 6.73
N GLY A 100 -32.46 0.47 5.59
CA GLY A 100 -31.58 1.14 4.67
C GLY A 100 -32.01 2.57 4.43
N ASP A 101 -32.69 3.15 5.42
CA ASP A 101 -33.12 4.53 5.40
C ASP A 101 -32.41 5.32 6.50
N PHE A 102 -31.11 5.09 6.65
CA PHE A 102 -30.35 5.71 7.73
C PHE A 102 -30.24 7.21 7.54
N GLY A 103 -30.23 7.68 6.29
CA GLY A 103 -30.28 9.10 6.01
C GLY A 103 -29.01 9.86 6.33
N THR A 104 -28.79 10.98 5.63
CA THR A 104 -27.68 11.89 5.93
C THR A 104 -28.18 13.10 6.71
N SER A 105 -28.66 12.86 7.93
CA SER A 105 -29.12 13.95 8.78
C SER A 105 -29.17 13.47 10.22
N ARG A 106 -29.29 14.42 11.14
CA ARG A 106 -29.35 14.10 12.56
C ARG A 106 -30.62 13.33 12.91
N LYS A 107 -31.77 13.82 12.43
CA LYS A 107 -33.03 13.16 12.72
C LYS A 107 -33.05 11.75 12.17
N SER A 108 -32.54 11.56 10.94
CA SER A 108 -32.54 10.23 10.34
C SER A 108 -31.65 9.28 11.11
N LEU A 109 -30.48 9.73 11.54
CA LEU A 109 -29.60 8.88 12.33
C LEU A 109 -30.25 8.49 13.65
N ASP A 110 -30.89 9.46 14.31
CA ASP A 110 -31.54 9.17 15.59
C ASP A 110 -32.67 8.16 15.42
N ARG A 111 -33.48 8.33 14.37
CA ARG A 111 -34.56 7.37 14.13
C ARG A 111 -34.01 6.00 13.75
N TRP A 112 -32.92 5.96 12.98
CA TRP A 112 -32.33 4.67 12.61
C TRP A 112 -31.84 3.93 13.84
N PHE A 113 -31.21 4.65 14.77
CA PHE A 113 -30.74 3.99 15.98
C PHE A 113 -31.89 3.62 16.91
N ALA A 114 -32.96 4.41 16.92
CA ALA A 114 -34.10 4.06 17.77
C ALA A 114 -34.85 2.85 17.25
N ARG A 115 -35.13 2.82 15.94
CA ARG A 115 -35.83 1.69 15.35
C ARG A 115 -35.00 0.41 15.46
N THR A 116 -33.70 0.50 15.21
CA THR A 116 -32.79 -0.60 15.48
C THR A 116 -32.46 -0.59 16.96
N GLY A 117 -31.46 -1.34 17.36
CA GLY A 117 -31.13 -1.41 18.77
C GLY A 117 -29.65 -1.33 19.06
N VAL A 118 -28.88 -0.87 18.08
CA VAL A 118 -27.43 -0.80 18.27
C VAL A 118 -27.10 0.30 19.28
N PRO A 119 -26.37 0.01 20.35
CA PRO A 119 -26.03 1.03 21.35
C PRO A 119 -25.27 2.19 20.74
N THR A 120 -25.84 3.38 20.87
CA THR A 120 -25.21 4.59 20.34
C THR A 120 -23.91 4.89 21.05
N HIS A 121 -23.72 4.36 22.26
CA HIS A 121 -22.44 4.37 22.96
C HIS A 121 -21.94 5.79 23.20
N GLY A 122 -22.85 6.73 23.39
CA GLY A 122 -22.47 8.10 23.64
C GLY A 122 -22.15 8.85 22.38
N TYR A 123 -21.55 8.16 21.41
CA TYR A 123 -21.18 8.79 20.15
C TYR A 123 -22.42 9.19 19.38
N THR A 124 -22.56 10.49 19.11
CA THR A 124 -23.73 11.02 18.43
C THR A 124 -23.35 12.08 17.42
N THR A 125 -22.19 11.96 16.80
CA THR A 125 -21.69 12.96 15.87
C THR A 125 -22.03 12.55 14.44
N VAL A 126 -22.67 13.46 13.71
CA VAL A 126 -23.10 13.16 12.35
C VAL A 126 -21.89 12.88 11.47
N GLN A 127 -20.91 13.78 11.50
CA GLN A 127 -19.67 13.60 10.76
C GLN A 127 -18.89 12.47 11.41
N GLY A 128 -18.97 11.28 10.84
CA GLY A 128 -18.34 10.11 11.42
C GLY A 128 -19.33 8.97 11.50
N LEU A 129 -20.58 9.28 11.84
CA LEU A 129 -21.63 8.28 11.74
C LEU A 129 -22.03 8.08 10.29
N ASN A 130 -21.89 9.12 9.47
CA ASN A 130 -22.16 8.98 8.05
C ASN A 130 -21.07 8.17 7.36
N LEU A 131 -19.87 8.16 7.93
CA LEU A 131 -18.80 7.31 7.39
C LEU A 131 -18.94 5.89 7.90
N ILE A 132 -19.36 5.71 9.17
CA ILE A 132 -19.50 4.36 9.72
C ILE A 132 -20.63 3.62 9.02
N LEU A 133 -21.69 4.34 8.64
CA LEU A 133 -22.86 3.69 8.05
C LEU A 133 -22.68 3.47 6.56
N ARG A 134 -22.30 4.52 5.82
CA ARG A 134 -22.20 4.40 4.37
C ARG A 134 -21.14 3.38 3.97
N HIS A 135 -20.06 3.27 4.75
CA HIS A 135 -19.10 2.21 4.51
C HIS A 135 -19.72 0.84 4.75
N THR A 136 -20.49 0.70 5.82
CA THR A 136 -20.98 -0.62 6.21
C THR A 136 -21.98 -1.16 5.19
N PHE A 137 -22.84 -0.29 4.66
CA PHE A 137 -23.79 -0.74 3.65
C PHE A 137 -23.14 -0.94 2.29
N ASN A 138 -22.12 -0.15 1.97
CA ASN A 138 -21.40 -0.37 0.73
C ASN A 138 -20.64 -1.69 0.74
N ARG A 139 -20.14 -2.09 1.91
CA ARG A 139 -19.56 -3.42 2.03
C ARG A 139 -20.61 -4.51 1.88
N TYR A 140 -21.81 -4.27 2.44
CA TYR A 140 -22.91 -5.21 2.23
C TYR A 140 -23.28 -5.30 0.76
N ASP A 141 -23.32 -4.16 0.07
CA ASP A 141 -23.52 -4.19 -1.37
C ASP A 141 -22.19 -4.28 -2.11
N GLY A 142 -21.34 -5.18 -1.64
CA GLY A 142 -20.08 -5.45 -2.31
C GLY A 142 -19.84 -6.94 -2.39
N VAL A 143 -20.64 -7.69 -1.64
CA VAL A 143 -20.67 -9.13 -1.78
C VAL A 143 -21.77 -9.54 -2.76
N ILE A 144 -22.84 -8.76 -2.85
CA ILE A 144 -23.82 -8.94 -3.90
C ILE A 144 -23.23 -8.57 -5.25
N LYS A 145 -22.42 -7.51 -5.29
CA LYS A 145 -21.86 -7.05 -6.56
C LYS A 145 -20.88 -8.05 -7.15
N LYS A 146 -20.15 -8.78 -6.31
CA LYS A 146 -19.22 -9.78 -6.81
C LYS A 146 -19.95 -10.89 -7.56
N VAL A 147 -20.97 -11.46 -6.93
CA VAL A 147 -21.76 -12.49 -7.58
C VAL A 147 -22.48 -11.91 -8.80
N GLU A 148 -22.90 -10.65 -8.71
CA GLU A 148 -23.59 -10.03 -9.83
C GLU A 148 -22.68 -9.90 -11.04
N THR A 149 -21.43 -9.50 -10.83
CA THR A 149 -20.51 -9.38 -11.97
C THR A 149 -20.11 -10.75 -12.51
N ARG A 150 -19.97 -11.74 -11.63
CA ARG A 150 -19.69 -13.09 -12.12
C ARG A 150 -20.83 -13.60 -12.99
N ASN A 151 -22.06 -13.48 -12.49
CA ASN A 151 -23.23 -13.94 -13.25
C ASN A 151 -23.44 -13.10 -14.50
N GLU A 152 -23.01 -11.83 -14.49
CA GLU A 152 -23.13 -11.02 -15.70
C GLU A 152 -22.16 -11.49 -16.77
N LYS A 153 -20.92 -11.79 -16.39
CA LYS A 153 -19.98 -12.36 -17.36
C LYS A 153 -20.51 -13.68 -17.90
N ARG A 154 -21.04 -14.53 -17.03
CA ARG A 154 -21.57 -15.82 -17.47
C ARG A 154 -22.77 -15.67 -18.39
N ARG A 155 -23.69 -14.75 -18.06
CA ARG A 155 -24.84 -14.52 -18.90
C ARG A 155 -24.46 -13.88 -20.23
N SER A 156 -23.42 -13.05 -20.25
CA SER A 156 -22.93 -12.51 -21.52
C SER A 156 -22.30 -13.61 -22.37
N LYS A 157 -21.57 -14.53 -21.74
CA LYS A 157 -21.09 -15.71 -22.44
C LYS A 157 -22.26 -16.49 -23.05
N ALA A 158 -23.34 -16.66 -22.28
CA ALA A 158 -24.52 -17.34 -22.81
C ALA A 158 -25.14 -16.56 -23.96
N THR A 159 -25.25 -15.24 -23.81
CA THR A 159 -25.87 -14.41 -24.84
C THR A 159 -25.08 -14.47 -26.14
N ARG A 160 -23.76 -14.61 -26.05
CA ARG A 160 -22.96 -14.78 -27.26
C ARG A 160 -23.14 -16.18 -27.84
N ILE A 161 -22.88 -17.22 -27.03
CA ILE A 161 -22.77 -18.58 -27.55
C ILE A 161 -24.12 -19.09 -28.01
N ASN A 162 -25.17 -18.91 -27.20
CA ASN A 162 -26.48 -19.43 -27.55
C ASN A 162 -27.04 -18.74 -28.79
N VAL A 163 -26.84 -17.43 -28.90
CA VAL A 163 -27.31 -16.73 -30.09
C VAL A 163 -26.54 -17.17 -31.33
N SER A 164 -25.22 -17.38 -31.18
CA SER A 164 -24.45 -17.88 -32.31
C SER A 164 -24.93 -19.27 -32.73
N ARG A 165 -25.23 -20.13 -31.76
CA ARG A 165 -25.73 -21.47 -32.07
C ARG A 165 -27.10 -21.40 -32.74
N GLU A 166 -27.97 -20.51 -32.27
CA GLU A 166 -29.27 -20.34 -32.90
C GLU A 166 -29.13 -19.86 -34.33
N ALA A 167 -28.19 -18.95 -34.57
CA ALA A 167 -27.89 -18.55 -35.95
C ALA A 167 -27.37 -19.71 -36.77
N ASP A 168 -26.73 -20.69 -36.11
CA ASP A 168 -26.33 -21.93 -36.75
C ASP A 168 -27.38 -23.02 -36.66
N GLY A 169 -28.55 -22.72 -36.07
CA GLY A 169 -29.63 -23.68 -35.96
C GLY A 169 -29.63 -24.49 -34.69
N LEU A 170 -28.60 -24.39 -33.86
CA LEU A 170 -28.56 -25.14 -32.61
C LEU A 170 -29.35 -24.41 -31.53
N PRO A 171 -30.33 -25.08 -30.90
CA PRO A 171 -31.11 -24.41 -29.86
C PRO A 171 -30.24 -24.07 -28.66
N PRO A 172 -30.57 -23.01 -27.93
CA PRO A 172 -29.77 -22.64 -26.76
C PRO A 172 -29.85 -23.71 -25.67
N ILE A 173 -28.77 -23.83 -24.91
CA ILE A 173 -28.70 -24.77 -23.80
C ILE A 173 -29.48 -24.22 -22.61
N GLU A 174 -29.78 -25.08 -21.64
CA GLU A 174 -30.55 -24.65 -20.48
C GLU A 174 -29.76 -23.64 -19.65
N ALA A 175 -30.47 -22.67 -19.11
CA ALA A 175 -29.83 -21.63 -18.31
C ALA A 175 -29.30 -22.21 -16.99
N GLU A 176 -28.15 -21.68 -16.56
CA GLU A 176 -27.50 -22.16 -15.36
C GLU A 176 -28.23 -21.65 -14.11
N PRO A 177 -28.07 -22.34 -12.99
CA PRO A 177 -28.58 -21.79 -11.72
C PRO A 177 -27.67 -20.68 -11.20
N GLU A 178 -27.93 -19.45 -11.64
CA GLU A 178 -27.08 -18.32 -11.28
C GLU A 178 -26.89 -18.23 -9.77
N GLU A 179 -25.65 -18.03 -9.34
CA GLU A 179 -25.31 -18.11 -7.93
C GLU A 179 -25.97 -16.98 -7.14
N THR A 180 -26.30 -17.28 -5.89
CA THR A 180 -26.92 -16.33 -4.98
C THR A 180 -25.96 -16.01 -3.85
N ALA A 181 -25.85 -14.72 -3.52
CA ALA A 181 -25.01 -14.30 -2.40
C ALA A 181 -25.65 -14.60 -1.05
N PHE A 182 -26.92 -14.99 -1.04
CA PHE A 182 -27.65 -15.25 0.19
C PHE A 182 -27.90 -16.74 0.33
N GLY A 183 -27.55 -17.29 1.49
CA GLY A 183 -27.54 -18.71 1.70
C GLY A 183 -28.92 -19.32 1.85
N PRO A 184 -29.01 -20.37 2.67
CA PRO A 184 -30.27 -21.13 2.76
C PRO A 184 -31.46 -20.31 3.21
N ASP A 185 -31.40 -19.72 4.40
CA ASP A 185 -32.58 -19.00 4.90
C ASP A 185 -32.65 -17.57 4.37
N GLY A 186 -31.76 -16.70 4.83
CA GLY A 186 -31.72 -15.35 4.30
C GLY A 186 -30.38 -14.65 4.36
N LYS A 187 -29.34 -15.34 4.80
CA LYS A 187 -28.12 -14.68 5.22
C LYS A 187 -27.04 -14.75 4.15
N LEU A 188 -26.17 -13.74 4.15
CA LEU A 188 -25.03 -13.75 3.25
C LEU A 188 -24.10 -14.91 3.60
N LYS A 189 -23.75 -15.72 2.59
CA LYS A 189 -22.79 -16.80 2.83
C LYS A 189 -21.40 -16.24 3.09
N GLU A 190 -20.95 -15.31 2.24
CA GLU A 190 -19.67 -14.65 2.43
C GLU A 190 -19.92 -13.39 3.25
N ARG A 191 -20.10 -13.60 4.55
CA ARG A 191 -20.36 -12.50 5.46
C ARG A 191 -19.14 -11.59 5.54
N PRO A 192 -19.28 -10.28 5.31
CA PRO A 192 -18.14 -9.39 5.46
C PRO A 192 -17.65 -9.35 6.89
N GLY A 193 -16.33 -9.27 7.05
CA GLY A 193 -15.73 -9.18 8.36
C GLY A 193 -15.78 -7.77 8.91
N ILE A 194 -15.27 -7.63 10.12
CA ILE A 194 -15.27 -6.36 10.82
C ILE A 194 -13.96 -5.64 10.52
N ASN A 195 -14.07 -4.37 10.13
CA ASN A 195 -12.92 -3.57 9.75
C ASN A 195 -12.46 -2.81 10.99
N PRO A 196 -11.32 -3.14 11.57
CA PRO A 196 -10.80 -2.29 12.65
C PRO A 196 -10.08 -1.08 12.09
N SER A 197 -10.73 0.08 12.15
CA SER A 197 -10.16 1.30 11.62
C SER A 197 -11.04 2.46 12.05
N ILE A 198 -10.40 3.56 12.45
CA ILE A 198 -11.11 4.77 12.85
C ILE A 198 -10.86 5.80 11.78
N TYR A 199 -11.91 6.18 11.06
CA TYR A 199 -11.81 7.06 9.91
C TYR A 199 -12.10 8.49 10.36
N CYS A 200 -11.06 9.30 10.44
CA CYS A 200 -11.21 10.64 10.99
C CYS A 200 -11.96 11.54 10.01
N TYR A 201 -12.38 12.69 10.52
CA TYR A 201 -13.23 13.60 9.78
C TYR A 201 -12.78 15.02 10.09
N GLN A 202 -13.52 16.00 9.58
CA GLN A 202 -13.10 17.39 9.68
C GLN A 202 -13.09 17.87 11.12
N GLN A 203 -14.07 17.46 11.92
CA GLN A 203 -14.21 17.94 13.28
C GLN A 203 -13.08 17.47 14.19
N VAL A 204 -12.36 16.43 13.79
CA VAL A 204 -11.29 15.86 14.61
C VAL A 204 -9.98 15.88 13.84
N SER A 205 -9.79 16.89 12.99
CA SER A 205 -8.61 16.96 12.15
C SER A 205 -7.35 17.25 12.96
N PRO A 206 -6.18 16.85 12.42
CA PRO A 206 -4.90 17.04 13.11
C PRO A 206 -4.57 18.50 13.41
N VAL A 207 -4.19 18.78 14.66
CA VAL A 207 -3.80 20.11 15.10
C VAL A 207 -2.46 20.03 15.80
N PRO A 208 -1.64 21.07 15.66
CA PRO A 208 -0.36 21.09 16.38
C PRO A 208 -0.58 21.20 17.88
N TYR A 209 0.35 20.61 18.62
CA TYR A 209 0.19 20.54 20.07
C TYR A 209 0.43 21.89 20.72
N ASN A 210 -0.28 22.14 21.81
CA ASN A 210 -0.12 23.29 22.67
C ASN A 210 -0.13 22.86 24.12
N PRO A 211 0.59 23.56 25.00
CA PRO A 211 0.59 23.19 26.42
C PRO A 211 -0.79 23.20 27.04
N ALA A 212 -1.66 24.10 26.61
CA ALA A 212 -3.06 24.11 27.06
C ALA A 212 -3.95 23.28 26.15
N LYS A 213 -3.53 22.04 25.88
CA LYS A 213 -4.35 21.04 25.22
C LYS A 213 -4.56 19.81 26.08
N HIS A 214 -3.48 19.20 26.57
CA HIS A 214 -3.56 18.06 27.47
C HIS A 214 -2.27 18.03 28.26
N PRO A 215 -2.25 18.66 29.44
CA PRO A 215 -0.98 18.88 30.15
C PRO A 215 -0.26 17.61 30.56
N ALA A 216 -0.92 16.45 30.49
CA ALA A 216 -0.28 15.21 30.90
C ALA A 216 0.83 14.76 29.96
N LEU A 217 0.96 15.38 28.79
CA LEU A 217 1.99 14.96 27.84
C LEU A 217 3.37 15.39 28.35
N PRO A 218 4.31 14.47 28.51
CA PRO A 218 5.62 14.83 29.03
C PRO A 218 6.44 15.67 28.06
N PHE A 219 6.55 15.21 26.81
CA PHE A 219 7.42 15.87 25.85
C PHE A 219 6.84 17.22 25.44
N SER A 220 7.73 18.10 25.01
CA SER A 220 7.34 19.46 24.64
C SER A 220 6.75 19.48 23.22
N GLY A 221 6.07 20.57 22.92
CA GLY A 221 5.48 20.76 21.61
C GLY A 221 5.91 22.07 20.99
N VAL A 222 6.26 22.04 19.71
CA VAL A 222 6.84 23.19 19.05
C VAL A 222 5.80 24.26 18.84
N ASP A 223 6.24 25.45 18.47
CA ASP A 223 5.31 26.50 18.05
C ASP A 223 4.71 26.13 16.70
N PRO A 224 3.39 26.15 16.55
CA PRO A 224 2.80 25.90 15.22
C PRO A 224 3.21 26.89 14.17
N GLY A 225 3.66 28.09 14.55
CA GLY A 225 4.02 29.10 13.57
C GLY A 225 5.50 29.17 13.25
N ALA A 226 6.34 28.77 14.19
CA ALA A 226 7.78 28.87 13.99
C ALA A 226 8.25 27.89 12.92
N PRO A 227 9.31 28.23 12.18
CA PRO A 227 9.88 27.28 11.23
C PRO A 227 10.40 26.02 11.93
N LEU A 228 10.23 24.89 11.25
CA LEU A 228 10.55 23.61 11.87
C LEU A 228 12.06 23.46 12.06
N PRO A 229 12.48 22.72 13.09
CA PRO A 229 13.92 22.50 13.31
C PRO A 229 14.58 21.70 12.20
N LEU A 230 15.89 21.53 12.31
CA LEU A 230 16.67 20.76 11.36
C LEU A 230 17.59 19.83 12.12
N GLY A 231 17.93 18.71 11.50
CA GLY A 231 18.88 17.81 12.10
C GLY A 231 20.26 18.42 12.19
N THR A 232 21.15 17.73 12.91
CA THR A 232 22.51 18.23 13.13
C THR A 232 23.21 18.51 11.81
N PRO A 233 23.43 19.78 11.46
CA PRO A 233 23.99 20.10 10.13
C PRO A 233 25.51 20.05 10.09
N ASN A 234 26.16 20.36 11.21
CA ASN A 234 27.62 20.25 11.31
C ASN A 234 27.99 18.95 12.01
N ARG A 235 27.82 17.85 11.26
CA ARG A 235 28.10 16.54 11.82
C ARG A 235 29.58 16.33 12.07
N LEU A 236 30.44 17.10 11.41
CA LEU A 236 31.87 17.00 11.61
C LEU A 236 32.37 17.86 12.78
N SER A 237 31.49 18.68 13.36
CA SER A 237 31.87 19.53 14.48
C SER A 237 31.61 18.88 15.83
N ILE A 238 31.08 17.66 15.86
CA ILE A 238 30.77 17.00 17.12
C ILE A 238 32.06 16.52 17.77
N PRO A 239 32.33 16.88 19.02
CA PRO A 239 33.56 16.44 19.68
C PRO A 239 33.55 14.94 19.93
N LYS A 240 34.74 14.40 20.13
CA LYS A 240 34.90 12.96 20.35
C LYS A 240 34.28 12.54 21.67
N GLY A 241 33.60 11.40 21.66
CA GLY A 241 32.95 10.88 22.84
C GLY A 241 31.50 11.30 23.01
N GLN A 242 31.00 12.17 22.15
CA GLN A 242 29.61 12.59 22.16
C GLN A 242 28.81 11.83 21.11
N PRO A 243 27.50 11.84 21.21
CA PRO A 243 26.66 11.24 20.15
C PRO A 243 26.96 11.86 18.79
N GLY A 244 26.91 11.02 17.76
CA GLY A 244 27.06 11.48 16.39
C GLY A 244 28.49 11.67 15.92
N TYR A 245 29.46 11.12 16.64
CA TYR A 245 30.86 11.34 16.32
C TYR A 245 31.28 10.49 15.13
N VAL A 246 31.87 11.12 14.11
CA VAL A 246 32.36 10.41 12.94
C VAL A 246 33.87 10.26 13.07
N PRO A 247 34.38 9.05 13.30
CA PRO A 247 35.80 8.88 13.60
C PRO A 247 36.69 9.29 12.44
N GLU A 248 37.95 9.64 12.76
CA GLU A 248 38.84 10.22 11.76
C GLU A 248 39.52 9.16 10.91
N TRP A 249 38.75 8.18 10.41
CA TRP A 249 39.25 7.32 9.35
C TRP A 249 38.23 7.08 8.23
N GLN A 250 36.94 7.22 8.49
CA GLN A 250 35.91 7.16 7.47
C GLN A 250 35.47 8.54 7.01
N ARG A 251 36.13 9.59 7.48
CA ARG A 251 35.86 10.93 7.00
C ARG A 251 36.07 11.11 5.50
N PRO A 252 37.14 10.59 4.87
CA PRO A 252 37.29 10.82 3.42
C PRO A 252 36.15 10.27 2.59
N HIS A 253 35.79 9.00 2.79
CA HIS A 253 34.74 8.36 2.00
C HIS A 253 33.37 8.57 2.63
N LEU A 254 33.01 9.84 2.80
CA LEU A 254 31.68 10.24 3.19
C LEU A 254 30.90 10.66 1.94
N SER A 255 29.66 10.19 1.83
CA SER A 255 28.89 10.40 0.63
C SER A 255 28.64 11.89 0.41
N THR A 256 28.80 12.33 -0.84
CA THR A 256 28.55 13.71 -1.21
C THR A 256 27.20 13.88 -1.88
N LYS A 257 26.37 12.83 -1.87
CA LYS A 257 25.07 12.86 -2.53
C LYS A 257 24.06 13.58 -1.64
N ASN A 258 22.79 13.43 -1.99
CA ASN A 258 21.68 14.05 -1.26
C ASN A 258 21.03 13.07 -0.30
N LYS A 259 21.85 12.26 0.35
CA LYS A 259 21.39 11.28 1.32
C LYS A 259 20.37 11.87 2.28
N ARG A 260 19.48 11.02 2.76
CA ARG A 260 18.65 11.33 3.91
C ARG A 260 19.46 11.13 5.17
N ILE A 261 19.38 12.09 6.09
CA ILE A 261 20.18 12.07 7.30
C ILE A 261 19.48 11.25 8.38
N ARG A 262 20.20 10.32 8.97
CA ARG A 262 19.73 9.50 10.06
C ARG A 262 20.36 9.99 11.35
N LYS A 263 19.55 10.25 12.36
CA LYS A 263 20.08 10.61 13.66
C LYS A 263 20.67 9.39 14.35
N TRP A 264 21.59 9.64 15.28
CA TRP A 264 22.39 8.57 15.85
C TRP A 264 21.54 7.53 16.58
N TYR A 265 20.35 7.89 17.04
CA TYR A 265 19.52 6.99 17.81
C TYR A 265 18.53 6.21 16.96
N ALA A 266 18.68 6.25 15.64
CA ALA A 266 17.79 5.49 14.77
C ALA A 266 17.98 4.01 14.95
N ARG A 267 16.88 3.25 14.89
CA ARG A 267 16.95 1.81 15.10
C ARG A 267 17.82 1.12 14.06
N ALA A 268 17.97 1.72 12.87
CA ALA A 268 18.75 1.08 11.82
C ALA A 268 20.22 0.98 12.18
N ASN A 269 20.72 1.92 12.97
CA ASN A 269 22.14 1.93 13.31
C ASN A 269 22.48 1.02 14.48
N TRP A 270 21.48 0.40 15.11
CA TRP A 270 21.72 -0.41 16.28
C TRP A 270 21.06 -1.78 16.23
N ARG A 271 20.38 -2.13 15.14
CA ARG A 271 19.70 -3.42 15.05
C ARG A 271 20.70 -4.56 15.05
N ARG A 272 20.26 -5.73 15.51
CA ARG A 272 21.15 -6.87 15.69
C ARG A 272 21.40 -7.54 14.35
N LYS A 273 22.59 -7.34 13.82
CA LYS A 273 23.05 -7.95 12.58
C LYS A 273 24.44 -8.54 12.82
N PRO A 274 24.88 -9.48 12.00
CA PRO A 274 26.12 -10.22 12.33
C PRO A 274 27.35 -9.34 12.48
N GLY A 275 27.44 -8.23 11.75
CA GLY A 275 28.60 -7.38 11.85
C GLY A 275 28.60 -6.38 12.97
N ARG A 276 27.46 -6.20 13.65
CA ARG A 276 27.30 -5.15 14.65
C ARG A 276 27.67 -5.69 16.02
N LYS A 277 28.83 -5.28 16.53
CA LYS A 277 29.25 -5.61 17.88
C LYS A 277 28.95 -4.43 18.83
N SER A 278 27.66 -4.12 18.94
CA SER A 278 27.20 -3.05 19.81
C SER A 278 26.11 -3.55 20.74
N VAL A 279 25.45 -2.65 21.45
CA VAL A 279 24.32 -2.98 22.31
C VAL A 279 23.09 -2.26 21.77
N LEU A 280 21.95 -2.95 21.83
CA LEU A 280 20.68 -2.42 21.36
C LEU A 280 19.79 -2.00 22.53
N ASP A 281 20.39 -1.36 23.54
CA ASP A 281 19.62 -0.84 24.66
C ASP A 281 18.50 0.06 24.15
N GLU A 282 17.25 -0.38 24.32
CA GLU A 282 16.12 0.28 23.70
C GLU A 282 15.69 1.53 24.45
N ALA A 283 15.85 1.56 25.78
CA ALA A 283 15.33 2.65 26.57
C ALA A 283 16.00 3.97 26.19
N LYS A 284 17.33 3.96 26.07
CA LYS A 284 18.07 5.18 25.78
C LYS A 284 17.69 5.73 24.41
N LEU A 285 17.60 4.87 23.41
CA LEU A 285 17.21 5.31 22.08
C LEU A 285 15.77 5.85 22.08
N LYS A 286 14.89 5.19 22.83
CA LYS A 286 13.49 5.64 22.85
C LYS A 286 13.37 7.03 23.47
N GLU A 287 14.04 7.26 24.60
CA GLU A 287 13.94 8.57 25.22
C GLU A 287 14.64 9.64 24.39
N ALA A 288 15.78 9.29 23.78
CA ALA A 288 16.46 10.23 22.91
C ALA A 288 15.59 10.63 21.73
N ALA A 289 14.84 9.66 21.19
CA ALA A 289 13.91 9.99 20.11
C ALA A 289 12.78 10.88 20.60
N LEU A 290 12.19 10.53 21.74
CA LEU A 290 11.05 11.29 22.26
C LEU A 290 11.43 12.72 22.59
N LYS A 291 12.69 12.96 22.96
CA LYS A 291 13.11 14.33 23.29
C LYS A 291 13.05 15.26 22.10
N GLU A 292 12.95 14.74 20.87
CA GLU A 292 12.98 15.57 19.67
C GLU A 292 11.83 15.25 18.73
N ALA A 293 10.68 14.83 19.25
CA ALA A 293 9.54 14.53 18.40
C ALA A 293 8.84 15.82 17.98
N ILE A 294 7.94 15.70 17.03
CA ILE A 294 7.10 16.80 16.58
C ILE A 294 5.64 16.40 16.77
N PRO A 295 5.02 16.79 17.88
CA PRO A 295 3.71 16.24 18.23
C PRO A 295 2.55 16.97 17.54
N ILE A 296 1.69 16.19 16.89
CA ILE A 296 0.35 16.63 16.50
C ILE A 296 -0.63 15.71 17.21
N ILE A 297 -1.86 16.20 17.40
CA ILE A 297 -2.82 15.57 18.30
C ILE A 297 -4.20 15.56 17.67
N VAL A 298 -4.91 14.45 17.83
CA VAL A 298 -6.29 14.30 17.39
C VAL A 298 -7.15 14.04 18.62
N THR A 299 -8.20 14.83 18.80
CA THR A 299 -9.11 14.70 19.93
C THR A 299 -10.51 14.42 19.41
N ILE A 300 -11.07 13.28 19.81
CA ILE A 300 -12.44 12.91 19.48
C ILE A 300 -13.21 12.87 20.79
N GLY A 301 -14.04 13.88 21.03
CA GLY A 301 -14.76 13.96 22.28
C GLY A 301 -13.85 14.10 23.47
N LYS A 302 -13.73 13.04 24.26
CA LYS A 302 -12.89 13.03 25.44
C LYS A 302 -11.52 12.42 25.20
N ASP A 303 -11.46 11.33 24.44
CA ASP A 303 -10.20 10.66 24.19
C ASP A 303 -9.33 11.47 23.26
N TRP A 304 -8.04 11.15 23.27
CA TRP A 304 -7.07 11.86 22.46
C TRP A 304 -5.92 10.92 22.12
N ILE A 305 -5.19 11.28 21.07
CA ILE A 305 -4.05 10.47 20.63
C ILE A 305 -3.01 11.42 20.05
N VAL A 306 -1.74 11.10 20.29
CA VAL A 306 -0.63 11.99 19.95
C VAL A 306 0.27 11.29 18.94
N MET A 307 0.60 12.00 17.86
CA MET A 307 1.38 11.45 16.76
C MET A 307 2.71 12.18 16.64
N ASP A 308 3.74 11.45 16.22
CA ASP A 308 5.04 12.04 15.93
C ASP A 308 5.09 12.31 14.43
N ALA A 309 5.20 13.57 14.06
CA ALA A 309 4.95 14.02 12.69
C ALA A 309 6.20 14.03 11.82
N ARG A 310 7.34 13.55 12.32
CA ARG A 310 8.53 13.49 11.48
C ARG A 310 8.33 12.60 10.26
N GLY A 311 7.38 11.68 10.32
CA GLY A 311 7.05 10.88 9.15
C GLY A 311 6.53 11.71 7.99
N LEU A 312 5.61 12.63 8.29
CA LEU A 312 5.11 13.53 7.27
C LEU A 312 6.22 14.43 6.73
N LEU A 313 7.13 14.84 7.60
CA LEU A 313 8.27 15.65 7.18
C LEU A 313 9.13 14.90 6.17
N ARG A 314 9.47 13.65 6.47
CA ARG A 314 10.26 12.86 5.53
C ARG A 314 9.50 12.65 4.23
N ALA A 315 8.18 12.41 4.33
CA ALA A 315 7.38 12.19 3.13
C ALA A 315 7.43 13.40 2.20
N VAL A 316 7.28 14.60 2.76
CA VAL A 316 7.33 15.79 1.90
C VAL A 316 8.75 16.15 1.52
N TYR A 317 9.75 15.63 2.22
CA TYR A 317 11.13 15.98 1.93
C TYR A 317 11.69 15.15 0.78
N TRP A 318 11.45 13.84 0.79
CA TRP A 318 12.02 13.01 -0.26
C TRP A 318 11.28 13.16 -1.58
N ARG A 319 10.04 13.60 -1.57
CA ARG A 319 9.32 13.85 -2.80
C ARG A 319 9.62 15.22 -3.39
N GLY A 320 10.05 16.17 -2.57
CA GLY A 320 10.42 17.47 -3.05
C GLY A 320 9.29 18.46 -3.19
N ILE A 321 8.14 18.19 -2.56
CA ILE A 321 7.07 19.18 -2.60
C ILE A 321 7.36 20.36 -1.69
N ALA A 322 8.16 20.16 -0.65
CA ALA A 322 8.48 21.22 0.29
C ALA A 322 9.96 21.17 0.62
N LYS A 323 10.57 22.34 0.68
CA LYS A 323 11.96 22.55 1.07
C LYS A 323 12.07 22.75 2.56
N PRO A 324 13.26 22.60 3.14
CA PRO A 324 13.45 22.92 4.56
C PRO A 324 13.07 24.37 4.84
N GLY A 325 12.48 24.59 6.00
CA GLY A 325 12.04 25.91 6.40
C GLY A 325 10.54 26.13 6.40
N LEU A 326 9.74 25.07 6.32
CA LEU A 326 8.29 25.19 6.41
C LEU A 326 7.85 25.05 7.86
N SER A 327 6.66 25.56 8.14
CA SER A 327 6.06 25.47 9.46
C SER A 327 5.25 24.19 9.59
N LEU A 328 4.71 23.96 10.79
CA LEU A 328 3.85 22.80 10.99
C LEU A 328 2.49 22.99 10.34
N LYS A 329 2.00 24.21 10.28
CA LYS A 329 0.71 24.46 9.62
C LYS A 329 0.76 24.11 8.15
N GLU A 330 1.84 24.50 7.47
CA GLU A 330 2.01 24.11 6.07
C GLU A 330 2.18 22.61 5.93
N LEU A 331 2.91 21.99 6.87
CA LEU A 331 3.10 20.54 6.81
C LEU A 331 1.78 19.81 6.90
N LEU A 332 0.90 20.23 7.81
CA LEU A 332 -0.43 19.64 7.86
C LEU A 332 -1.25 20.03 6.66
N GLY A 333 -0.94 21.17 6.04
CA GLY A 333 -1.63 21.57 4.83
C GLY A 333 -1.35 20.63 3.67
N PHE A 334 -0.16 20.07 3.62
CA PHE A 334 0.16 19.13 2.54
C PHE A 334 -0.61 17.83 2.65
N PHE A 335 -1.31 17.59 3.76
CA PHE A 335 -2.00 16.33 4.00
C PHE A 335 -3.47 16.57 4.32
N SER A 336 -4.25 15.50 4.23
CA SER A 336 -5.68 15.59 4.47
C SER A 336 -5.97 15.63 5.95
N GLY A 337 -7.08 16.25 6.31
CA GLY A 337 -7.54 16.31 7.67
C GLY A 337 -8.34 15.11 8.12
N ASP A 338 -8.35 14.05 7.30
CA ASP A 338 -9.09 12.82 7.58
C ASP A 338 -8.14 11.63 7.54
N PRO A 339 -7.31 11.46 8.56
CA PRO A 339 -6.43 10.29 8.61
C PRO A 339 -7.20 9.03 8.98
N VAL A 340 -6.48 7.92 9.04
CA VAL A 340 -7.03 6.62 9.40
C VAL A 340 -6.17 6.02 10.51
N LEU A 341 -6.80 5.59 11.59
CA LEU A 341 -6.10 5.00 12.71
C LEU A 341 -6.22 3.48 12.68
N ASP A 342 -5.12 2.80 12.98
CA ASP A 342 -5.09 1.34 13.02
C ASP A 342 -4.70 0.90 14.42
N PRO A 343 -5.65 0.51 15.27
CA PRO A 343 -5.31 0.21 16.66
C PRO A 343 -4.35 -0.96 16.84
N LYS A 344 -4.29 -1.88 15.88
CA LYS A 344 -3.43 -3.04 16.06
C LYS A 344 -1.96 -2.67 16.02
N ARG A 345 -1.55 -1.90 15.01
CA ARG A 345 -0.15 -1.50 14.91
C ARG A 345 0.15 -0.30 15.80
N GLY A 346 -0.50 0.83 15.52
CA GLY A 346 -0.15 2.08 16.17
C GLY A 346 0.26 3.09 15.11
N ILE A 347 -0.22 2.87 13.91
CA ILE A 347 0.09 3.73 12.78
C ILE A 347 -1.07 4.69 12.58
N ALA A 348 -0.80 5.80 11.92
CA ALA A 348 -1.81 6.75 11.50
C ALA A 348 -1.47 7.17 10.09
N THR A 349 -2.31 6.79 9.13
CA THR A 349 -2.00 6.96 7.72
C THR A 349 -2.62 8.25 7.22
N PHE A 350 -1.79 9.12 6.66
CA PHE A 350 -2.23 10.36 6.04
C PHE A 350 -2.15 10.21 4.53
N THR A 351 -3.00 10.96 3.83
CA THR A 351 -2.98 11.01 2.39
C THR A 351 -2.87 12.45 1.94
N PHE A 352 -2.19 12.65 0.83
CA PHE A 352 -1.89 14.00 0.37
C PHE A 352 -3.14 14.64 -0.25
N LYS A 353 -3.16 15.95 -0.24
CA LYS A 353 -4.24 16.68 -0.88
C LYS A 353 -4.15 16.54 -2.39
N LEU A 354 -5.30 16.65 -3.06
CA LEU A 354 -5.33 16.58 -4.51
C LEU A 354 -4.71 17.84 -5.06
N GLY A 355 -3.43 17.76 -5.42
CA GLY A 355 -2.70 18.91 -5.93
C GLY A 355 -1.27 18.94 -5.44
N ALA A 356 -0.99 18.16 -4.38
CA ALA A 356 0.36 18.13 -3.83
C ALA A 356 1.33 17.44 -4.78
N VAL A 357 0.96 16.26 -5.28
CA VAL A 357 1.81 15.52 -6.19
C VAL A 357 1.40 15.86 -7.62
N ALA A 358 2.30 15.59 -8.56
CA ALA A 358 2.08 15.93 -9.96
C ALA A 358 1.96 14.67 -10.81
N VAL A 359 1.18 13.70 -10.33
CA VAL A 359 0.98 12.43 -11.01
C VAL A 359 -0.47 12.34 -11.46
N HIS A 360 -0.67 11.86 -12.69
CA HIS A 360 -2.02 11.70 -13.25
C HIS A 360 -2.60 10.31 -13.04
N SER A 361 -1.81 9.34 -12.60
CA SER A 361 -2.29 7.99 -12.28
C SER A 361 -3.11 7.40 -13.41
N ARG A 362 -2.44 7.15 -14.53
CA ARG A 362 -3.11 6.63 -15.72
C ARG A 362 -3.09 5.10 -15.71
N LYS A 363 -3.52 4.51 -16.82
CA LYS A 363 -3.69 3.07 -16.99
C LYS A 363 -2.78 2.61 -18.12
N PRO A 364 -2.41 1.32 -18.16
CA PRO A 364 -1.58 0.84 -19.27
C PRO A 364 -2.34 0.69 -20.58
N THR A 365 -2.47 1.78 -21.33
CA THR A 365 -3.11 1.71 -22.65
C THR A 365 -2.26 0.92 -23.63
N ARG A 366 -2.92 0.13 -24.47
CA ARG A 366 -2.23 -0.77 -25.39
C ARG A 366 -3.03 -0.87 -26.68
N GLY A 367 -2.38 -1.41 -27.70
CA GLY A 367 -3.07 -1.75 -28.93
C GLY A 367 -3.27 -0.55 -29.82
N LYS A 368 -4.52 -0.35 -30.27
CA LYS A 368 -4.80 0.72 -31.22
C LYS A 368 -4.50 2.09 -30.62
N LYS A 369 -4.86 2.30 -29.36
CA LYS A 369 -4.62 3.58 -28.72
C LYS A 369 -3.14 3.88 -28.49
N SER A 370 -2.27 2.89 -28.64
CA SER A 370 -0.85 3.12 -28.42
C SER A 370 -0.28 4.11 -29.43
N LYS A 371 -0.63 3.94 -30.71
CA LYS A 371 -0.13 4.85 -31.73
C LYS A 371 -0.69 6.25 -31.53
N GLU A 372 -1.95 6.37 -31.13
CA GLU A 372 -2.52 7.67 -30.85
C GLU A 372 -1.83 8.33 -29.66
N LEU A 373 -1.52 7.56 -28.62
CA LEU A 373 -0.81 8.10 -27.47
C LEU A 373 0.58 8.59 -27.86
N LEU A 374 1.29 7.80 -28.66
CA LEU A 374 2.63 8.21 -29.09
C LEU A 374 2.55 9.45 -29.97
N LEU A 375 1.56 9.53 -30.84
CA LEU A 375 1.38 10.72 -31.66
C LEU A 375 1.08 11.94 -30.81
N SER A 376 0.24 11.78 -29.78
CA SER A 376 -0.06 12.89 -28.89
C SER A 376 1.19 13.34 -28.13
N MET A 377 1.99 12.39 -27.64
CA MET A 377 3.19 12.77 -26.90
C MET A 377 4.22 13.41 -27.81
N THR A 378 4.30 12.98 -29.07
CA THR A 378 5.18 13.66 -30.01
C THR A 378 4.63 15.03 -30.38
N ALA A 379 3.32 15.22 -30.31
CA ALA A 379 2.74 16.56 -30.42
C ALA A 379 3.12 17.43 -29.24
N GLU A 380 3.44 16.81 -28.10
CA GLU A 380 4.05 17.47 -26.97
C GLU A 380 5.54 17.61 -27.25
N LYS A 381 6.34 17.87 -26.21
CA LYS A 381 7.78 18.07 -26.29
C LYS A 381 8.41 17.14 -27.34
N PRO A 382 9.07 17.69 -28.36
CA PRO A 382 9.49 16.91 -29.53
C PRO A 382 10.73 16.05 -29.29
N HIS A 383 10.76 15.36 -28.15
CA HIS A 383 11.85 14.45 -27.84
C HIS A 383 11.33 13.46 -26.81
N VAL A 384 10.94 12.27 -27.27
CA VAL A 384 10.38 11.24 -26.39
C VAL A 384 11.24 9.99 -26.51
N GLY A 385 11.66 9.45 -25.38
CA GLY A 385 12.48 8.27 -25.38
C GLY A 385 11.76 7.02 -24.90
N LEU A 386 11.52 6.08 -25.81
CA LEU A 386 10.92 4.82 -25.44
C LEU A 386 11.97 3.88 -24.86
N VAL A 387 11.55 3.08 -23.89
CA VAL A 387 12.37 2.01 -23.34
C VAL A 387 11.59 0.71 -23.51
N ALA A 388 12.27 -0.31 -23.99
CA ALA A 388 11.65 -1.61 -24.22
C ALA A 388 12.28 -2.63 -23.29
N ILE A 389 11.43 -3.41 -22.63
CA ILE A 389 11.85 -4.36 -21.61
C ILE A 389 11.51 -5.76 -22.09
N ASP A 390 12.48 -6.66 -21.99
CA ASP A 390 12.35 -8.01 -22.50
C ASP A 390 12.04 -9.04 -21.42
N LEU A 391 12.81 -9.03 -20.34
CA LEU A 391 12.73 -10.04 -19.29
C LEU A 391 13.03 -11.43 -19.84
N GLY A 392 13.21 -12.41 -18.95
CA GLY A 392 13.45 -13.77 -19.37
C GLY A 392 14.68 -13.97 -20.23
N GLN A 393 15.79 -13.31 -19.90
CA GLN A 393 17.02 -13.47 -20.68
C GLN A 393 18.19 -13.28 -19.72
N THR A 394 18.69 -14.40 -19.19
CA THR A 394 19.77 -14.39 -18.21
C THR A 394 19.42 -13.51 -17.03
N ASN A 395 19.92 -12.28 -17.01
CA ASN A 395 19.58 -11.37 -15.94
C ASN A 395 18.10 -10.98 -16.01
N PRO A 396 17.52 -10.55 -14.89
CA PRO A 396 16.08 -10.24 -14.89
C PRO A 396 15.66 -9.18 -15.90
N VAL A 397 16.48 -8.16 -16.12
CA VAL A 397 16.09 -7.01 -16.92
C VAL A 397 17.01 -6.88 -18.11
N ALA A 398 16.41 -6.75 -19.30
CA ALA A 398 17.12 -6.34 -20.51
C ALA A 398 16.32 -5.21 -21.14
N ALA A 399 17.00 -4.11 -21.46
CA ALA A 399 16.32 -2.93 -21.97
C ALA A 399 16.94 -2.47 -23.28
N GLU A 400 16.16 -1.68 -24.03
CA GLU A 400 16.56 -1.24 -25.36
C GLU A 400 16.02 0.17 -25.57
N PHE A 401 16.91 1.14 -25.63
CA PHE A 401 16.50 2.54 -25.69
C PHE A 401 16.16 2.94 -27.13
N SER A 402 15.31 3.95 -27.23
CA SER A 402 14.91 4.47 -28.54
C SER A 402 14.48 5.91 -28.38
N ARG A 403 14.32 6.59 -29.51
CA ARG A 403 13.75 7.93 -29.56
C ARG A 403 12.79 7.99 -30.75
N VAL A 404 11.68 8.70 -30.58
CA VAL A 404 10.65 8.79 -31.61
C VAL A 404 10.31 10.24 -31.87
N LYS A 405 10.11 10.57 -33.14
CA LYS A 405 9.78 11.90 -33.61
C LYS A 405 8.35 11.90 -34.14
N ARG A 406 7.94 13.01 -34.74
CA ARG A 406 6.62 13.17 -35.35
C ARG A 406 6.83 13.57 -36.81
N GLU A 407 6.98 12.58 -37.69
CA GLU A 407 7.21 12.83 -39.11
C GLU A 407 5.87 12.92 -39.83
N GLY A 408 5.16 14.00 -39.52
CA GLY A 408 3.88 14.28 -40.15
C GLY A 408 2.76 13.43 -39.58
N GLU A 409 2.76 12.15 -39.93
CA GLU A 409 1.78 11.20 -39.40
C GLU A 409 2.44 10.04 -38.67
N THR A 410 3.46 9.43 -39.25
CA THR A 410 4.09 8.27 -38.66
C THR A 410 5.27 8.68 -37.78
N LEU A 411 5.84 7.70 -37.10
CA LEU A 411 6.98 7.89 -36.23
C LEU A 411 8.26 7.43 -36.90
N GLN A 412 9.39 7.95 -36.42
CA GLN A 412 10.71 7.61 -36.93
C GLN A 412 11.58 7.21 -35.74
N ALA A 413 11.65 5.92 -35.46
CA ALA A 413 12.44 5.44 -34.33
C ALA A 413 13.93 5.67 -34.58
N GLU A 414 14.64 6.06 -33.52
CA GLU A 414 16.08 6.33 -33.60
C GLU A 414 16.79 5.50 -32.53
N PRO A 415 17.33 4.35 -32.87
CA PRO A 415 17.93 3.47 -31.86
C PRO A 415 19.09 4.14 -31.13
N LEU A 416 19.21 3.81 -29.84
CA LEU A 416 20.23 4.39 -28.99
C LEU A 416 21.06 3.37 -28.23
N GLY A 417 20.74 2.08 -28.31
CA GLY A 417 21.55 1.07 -27.66
C GLY A 417 20.79 0.20 -26.68
N GLN A 418 21.53 -0.50 -25.82
CA GLN A 418 20.94 -1.44 -24.87
C GLN A 418 21.74 -1.40 -23.57
N ILE A 419 21.10 -1.83 -22.49
CA ILE A 419 21.68 -1.73 -21.15
C ILE A 419 21.42 -3.04 -20.43
N VAL A 420 22.38 -3.47 -19.63
CA VAL A 420 22.26 -4.65 -18.78
C VAL A 420 22.26 -4.17 -17.34
N LEU A 421 21.51 -4.88 -16.50
CA LEU A 421 21.47 -4.52 -15.09
C LEU A 421 22.87 -4.57 -14.49
N PRO A 422 23.22 -3.63 -13.62
CA PRO A 422 24.54 -3.67 -12.99
C PRO A 422 24.72 -4.91 -12.13
N ASP A 423 25.96 -5.15 -11.73
CA ASP A 423 26.31 -6.40 -11.05
C ASP A 423 25.89 -6.39 -9.60
N ASP A 424 25.96 -5.24 -8.93
CA ASP A 424 25.59 -5.18 -7.52
C ASP A 424 24.11 -5.49 -7.34
N LEU A 425 23.28 -5.01 -8.26
CA LEU A 425 21.85 -5.30 -8.18
C LEU A 425 21.59 -6.78 -8.35
N VAL A 426 22.31 -7.44 -9.27
CA VAL A 426 22.16 -8.86 -9.45
C VAL A 426 22.63 -9.61 -8.21
N LYS A 427 23.69 -9.13 -7.55
CA LYS A 427 24.14 -9.77 -6.31
C LYS A 427 23.07 -9.65 -5.23
N ASP A 428 22.45 -8.48 -5.10
CA ASP A 428 21.36 -8.33 -4.15
C ASP A 428 20.21 -9.28 -4.47
N LEU A 429 19.86 -9.40 -5.75
CA LEU A 429 18.79 -10.30 -6.14
C LEU A 429 19.13 -11.75 -5.85
N THR A 430 20.39 -12.13 -6.05
CA THR A 430 20.82 -13.50 -5.76
C THR A 430 20.76 -13.79 -4.26
N ARG A 431 21.17 -12.83 -3.45
CA ARG A 431 21.05 -13.00 -2.00
C ARG A 431 19.58 -13.11 -1.59
N TYR A 432 18.71 -12.32 -2.23
CA TYR A 432 17.29 -12.45 -1.94
C TYR A 432 16.75 -13.81 -2.34
N ARG A 433 17.20 -14.35 -3.49
CA ARG A 433 16.75 -15.67 -3.90
C ARG A 433 17.21 -16.73 -2.91
N ARG A 434 18.44 -16.60 -2.42
CA ARG A 434 18.90 -17.52 -1.38
C ARG A 434 18.04 -17.43 -0.13
N ALA A 435 17.70 -16.20 0.29
CA ALA A 435 16.88 -16.03 1.48
C ALA A 435 15.48 -16.61 1.28
N TRP A 436 14.87 -16.37 0.13
CA TRP A 436 13.53 -16.89 -0.14
C TRP A 436 13.53 -18.40 -0.20
N ASP A 437 14.51 -19.00 -0.86
CA ASP A 437 14.56 -20.46 -0.91
C ASP A 437 14.98 -21.06 0.42
N ALA A 438 15.60 -20.29 1.29
CA ALA A 438 15.86 -20.75 2.65
C ALA A 438 14.59 -20.76 3.51
N THR A 439 13.75 -19.73 3.37
CA THR A 439 12.52 -19.74 4.17
C THR A 439 11.48 -20.70 3.60
N GLU A 440 11.50 -20.95 2.29
CA GLU A 440 10.50 -21.81 1.68
C GLU A 440 10.66 -23.26 2.13
N GLU A 441 11.89 -23.78 2.09
CA GLU A 441 12.13 -25.15 2.52
C GLU A 441 11.85 -25.33 4.01
N GLN A 442 11.71 -24.25 4.77
CA GLN A 442 11.33 -24.35 6.16
C GLN A 442 9.82 -24.30 6.36
N ILE A 443 9.14 -23.35 5.70
CA ILE A 443 7.71 -23.22 5.91
C ILE A 443 6.97 -24.40 5.29
N LYS A 444 7.42 -24.87 4.12
CA LYS A 444 6.79 -26.03 3.51
C LYS A 444 6.97 -27.26 4.39
N ALA A 445 8.16 -27.44 4.96
CA ALA A 445 8.38 -28.57 5.86
C ALA A 445 7.49 -28.47 7.09
N GLU A 446 7.34 -27.26 7.64
CA GLU A 446 6.48 -27.08 8.80
C GLU A 446 5.02 -27.41 8.46
N ALA A 447 4.58 -27.01 7.26
CA ALA A 447 3.23 -27.36 6.83
C ALA A 447 3.06 -28.86 6.67
N ILE A 448 4.08 -29.53 6.13
CA ILE A 448 4.01 -30.98 5.97
C ILE A 448 3.95 -31.68 7.32
N VAL A 449 4.71 -31.17 8.29
CA VAL A 449 4.80 -31.83 9.60
C VAL A 449 3.43 -31.86 10.28
N GLN A 450 2.71 -30.74 10.25
CA GLN A 450 1.45 -30.60 10.97
C GLN A 450 0.29 -31.35 10.31
N LEU A 451 0.53 -32.10 9.25
CA LEU A 451 -0.57 -32.75 8.53
C LEU A 451 -1.19 -33.87 9.36
N PRO A 452 -2.49 -34.13 9.18
CA PRO A 452 -3.11 -35.27 9.86
C PRO A 452 -2.49 -36.57 9.38
N GLU A 453 -2.43 -37.54 10.30
CA GLU A 453 -1.67 -38.77 10.04
C GLU A 453 -2.12 -39.45 8.75
N GLU A 454 -3.43 -39.46 8.48
CA GLU A 454 -3.92 -40.04 7.24
C GLU A 454 -3.34 -39.30 6.04
N CYS A 455 -3.28 -37.97 6.09
CA CYS A 455 -2.64 -37.20 5.04
C CYS A 455 -1.12 -37.15 5.23
N ARG A 456 -0.66 -37.19 6.48
CA ARG A 456 0.77 -37.10 6.74
C ARG A 456 1.51 -38.29 6.14
N ALA A 457 0.96 -39.49 6.28
CA ALA A 457 1.62 -40.66 5.72
C ALA A 457 1.69 -40.57 4.20
N GLU A 458 0.60 -40.14 3.55
CA GLU A 458 0.59 -40.03 2.10
C GLU A 458 1.61 -39.00 1.62
N VAL A 459 1.66 -37.83 2.28
CA VAL A 459 2.60 -36.80 1.88
C VAL A 459 4.03 -37.27 2.12
N VAL A 460 4.26 -38.01 3.21
CA VAL A 460 5.58 -38.57 3.46
C VAL A 460 5.97 -39.53 2.36
N LYS A 461 5.02 -40.36 1.92
CA LYS A 461 5.27 -41.23 0.78
C LYS A 461 5.59 -40.42 -0.47
N VAL A 462 4.96 -39.26 -0.63
CA VAL A 462 5.24 -38.42 -1.79
C VAL A 462 6.72 -38.07 -1.84
N ASN A 463 7.30 -37.72 -0.70
CA ASN A 463 8.73 -37.47 -0.64
C ASN A 463 9.53 -38.75 -0.86
N GLN A 464 9.01 -39.89 -0.40
CA GLN A 464 9.72 -41.15 -0.53
C GLN A 464 9.74 -41.61 -1.98
N MET A 465 10.64 -42.56 -2.26
CA MET A 465 10.78 -43.11 -3.60
C MET A 465 11.25 -44.56 -3.48
N PRO A 537 5.86 -43.17 -8.09
CA PRO A 537 4.40 -43.00 -8.13
C PRO A 537 3.94 -41.66 -7.57
N ARG A 538 3.05 -40.99 -8.28
CA ARG A 538 2.55 -39.68 -7.90
C ARG A 538 1.04 -39.72 -7.95
N LEU A 539 0.40 -39.57 -6.80
CA LEU A 539 -1.05 -39.74 -6.72
C LEU A 539 -1.59 -38.84 -5.61
N SER A 540 -2.81 -39.14 -5.17
CA SER A 540 -3.52 -38.40 -4.13
C SER A 540 -3.78 -36.96 -4.56
N GLN A 541 -4.60 -36.81 -5.61
CA GLN A 541 -5.09 -35.49 -5.97
C GLN A 541 -6.32 -35.15 -5.13
N GLU A 542 -6.23 -35.40 -3.83
CA GLU A 542 -7.18 -34.89 -2.86
C GLU A 542 -6.52 -34.38 -1.60
N THR A 543 -5.27 -34.74 -1.33
CA THR A 543 -4.46 -34.11 -0.31
C THR A 543 -3.67 -32.94 -0.85
N ARG A 544 -3.62 -32.78 -2.18
CA ARG A 544 -2.99 -31.61 -2.76
C ARG A 544 -3.69 -30.34 -2.32
N LYS A 545 -5.02 -30.36 -2.28
CA LYS A 545 -5.78 -29.24 -1.74
C LYS A 545 -5.43 -29.00 -0.28
N ALA A 546 -5.27 -30.07 0.50
CA ALA A 546 -4.96 -29.93 1.92
C ALA A 546 -3.61 -29.25 2.13
N VAL A 547 -2.57 -29.76 1.47
CA VAL A 547 -1.25 -29.17 1.62
C VAL A 547 -1.23 -27.76 1.06
N ASN A 548 -1.95 -27.52 -0.03
CA ASN A 548 -2.03 -26.17 -0.58
C ASN A 548 -2.63 -25.19 0.41
N ASP A 549 -3.80 -25.52 0.96
CA ASP A 549 -4.48 -24.59 1.85
C ASP A 549 -3.69 -24.37 3.14
N LYS A 550 -3.09 -25.42 3.69
CA LYS A 550 -2.35 -25.22 4.92
C LYS A 550 -1.04 -24.50 4.69
N THR A 551 -0.39 -24.72 3.53
CA THR A 551 0.77 -23.91 3.19
C THR A 551 0.38 -22.44 3.03
N TRP A 552 -0.79 -22.18 2.43
CA TRP A 552 -1.26 -20.81 2.33
C TRP A 552 -1.48 -20.19 3.71
N GLU A 553 -2.10 -20.95 4.61
CA GLU A 553 -2.34 -20.42 5.96
C GLU A 553 -1.03 -20.12 6.68
N LEU A 554 -0.06 -21.04 6.60
CA LEU A 554 1.23 -20.80 7.21
C LEU A 554 1.92 -19.58 6.59
N LYS A 555 1.82 -19.43 5.26
CA LYS A 555 2.40 -18.28 4.60
C LYS A 555 1.78 -16.99 5.12
N ARG A 556 0.46 -16.99 5.31
CA ARG A 556 -0.21 -15.82 5.87
C ARG A 556 0.18 -15.58 7.32
N ALA A 557 0.59 -16.61 8.06
CA ALA A 557 0.96 -16.45 9.46
C ALA A 557 2.46 -16.36 9.69
N SER A 558 3.28 -16.48 8.66
CA SER A 558 4.73 -16.44 8.82
C SER A 558 5.22 -15.01 8.61
N THR A 559 5.69 -14.37 9.67
CA THR A 559 6.15 -12.99 9.57
C THR A 559 7.37 -12.88 8.67
N GLU A 560 8.30 -13.83 8.77
CA GLU A 560 9.46 -13.83 7.91
C GLU A 560 9.05 -13.91 6.45
N TYR A 561 7.97 -14.64 6.15
CA TYR A 561 7.45 -14.67 4.80
C TYR A 561 6.92 -13.30 4.39
N VAL A 562 6.29 -12.58 5.32
CA VAL A 562 5.81 -11.23 5.00
C VAL A 562 6.98 -10.31 4.66
N ARG A 563 8.05 -10.36 5.46
CA ARG A 563 9.21 -9.51 5.19
C ARG A 563 9.86 -9.90 3.86
N LEU A 564 9.99 -11.19 3.59
CA LEU A 564 10.62 -11.63 2.36
C LEU A 564 9.69 -11.53 1.16
N SER A 565 8.41 -11.22 1.37
CA SER A 565 7.52 -10.86 0.29
C SER A 565 7.51 -9.36 0.04
N ARG A 566 7.83 -8.57 1.06
CA ARG A 566 8.05 -7.14 0.86
C ARG A 566 9.39 -6.85 0.21
N ARG A 567 10.40 -7.66 0.50
CA ARG A 567 11.72 -7.45 -0.10
C ARG A 567 11.68 -7.65 -1.61
N LYS A 568 10.88 -8.60 -2.08
CA LYS A 568 10.71 -8.80 -3.51
C LYS A 568 10.20 -7.52 -4.17
N THR A 569 9.17 -6.92 -3.59
CA THR A 569 8.63 -5.69 -4.15
C THR A 569 9.64 -4.56 -4.09
N GLU A 570 10.35 -4.44 -2.98
CA GLU A 570 11.36 -3.37 -2.86
C GLU A 570 12.43 -3.51 -3.93
N LEU A 571 12.91 -4.74 -4.16
CA LEU A 571 13.98 -4.94 -5.12
C LEU A 571 13.48 -4.75 -6.55
N ALA A 572 12.27 -5.20 -6.85
CA ALA A 572 11.70 -4.94 -8.16
C ALA A 572 11.55 -3.45 -8.40
N ARG A 573 11.14 -2.69 -7.38
CA ARG A 573 11.03 -1.25 -7.53
C ARG A 573 12.40 -0.61 -7.74
N ARG A 574 13.42 -1.11 -7.07
CA ARG A 574 14.78 -0.65 -7.32
C ARG A 574 15.16 -0.83 -8.79
N CYS A 575 14.88 -2.01 -9.34
CA CYS A 575 15.19 -2.27 -10.74
C CYS A 575 14.44 -1.33 -11.67
N VAL A 576 13.13 -1.17 -11.44
CA VAL A 576 12.32 -0.33 -12.32
C VAL A 576 12.80 1.10 -12.28
N ASN A 577 13.11 1.61 -11.08
CA ASN A 577 13.62 2.97 -10.97
C ASN A 577 14.96 3.12 -11.67
N TYR A 578 15.80 2.09 -11.61
CA TYR A 578 17.06 2.15 -12.35
C TYR A 578 16.81 2.29 -13.84
N ILE A 579 15.93 1.46 -14.39
CA ILE A 579 15.69 1.52 -15.84
C ILE A 579 15.10 2.86 -16.22
N VAL A 580 14.20 3.39 -15.39
CA VAL A 580 13.56 4.66 -15.68
C VAL A 580 14.57 5.80 -15.60
N ARG A 581 15.53 5.72 -14.68
CA ARG A 581 16.54 6.75 -14.59
C ARG A 581 17.49 6.69 -15.78
N GLU A 582 17.96 5.49 -16.14
CA GLU A 582 18.89 5.35 -17.24
C GLU A 582 18.23 5.52 -18.59
N THR A 583 16.90 5.52 -18.66
CA THR A 583 16.26 5.88 -19.92
C THR A 583 16.09 7.38 -20.08
N LYS A 584 16.39 8.16 -19.03
CA LYS A 584 16.45 9.60 -19.13
C LYS A 584 17.84 10.13 -19.42
N ARG A 585 18.87 9.31 -19.19
CA ARG A 585 20.25 9.69 -19.45
C ARG A 585 20.67 9.37 -20.88
N TRP A 586 20.41 8.14 -21.32
CA TRP A 586 20.78 7.76 -22.68
C TRP A 586 20.00 8.57 -23.71
N THR A 587 18.70 8.74 -23.48
CA THR A 587 17.87 9.47 -24.43
C THR A 587 17.86 10.98 -24.20
N GLN A 588 18.18 11.43 -22.99
CA GLN A 588 18.17 12.85 -22.63
C GLN A 588 16.78 13.46 -22.80
N CYS A 589 15.74 12.65 -22.65
CA CYS A 589 14.36 13.10 -22.80
C CYS A 589 13.68 13.08 -21.44
N GLU A 590 13.08 14.21 -21.06
CA GLU A 590 12.34 14.24 -19.80
C GLU A 590 11.08 13.38 -19.86
N ASP A 591 10.48 13.25 -21.04
CA ASP A 591 9.31 12.41 -21.23
C ASP A 591 9.73 11.05 -21.77
N ILE A 592 9.19 9.99 -21.18
CA ILE A 592 9.58 8.62 -21.53
C ILE A 592 8.33 7.76 -21.70
N ALA A 593 8.52 6.63 -22.38
CA ALA A 593 7.49 5.61 -22.54
C ALA A 593 8.12 4.25 -22.28
N ILE A 594 7.29 3.31 -21.83
CA ILE A 594 7.77 2.00 -21.42
C ILE A 594 7.00 0.92 -22.18
N VAL A 595 7.73 -0.06 -22.72
CA VAL A 595 7.15 -1.17 -23.46
C VAL A 595 7.56 -2.46 -22.77
N ILE A 596 6.58 -3.28 -22.41
CA ILE A 596 6.81 -4.60 -21.84
C ILE A 596 5.93 -5.60 -22.59
N GLU A 597 6.31 -6.87 -22.48
CA GLU A 597 5.53 -7.96 -23.06
C GLU A 597 4.79 -8.69 -21.95
N ASP A 598 3.65 -9.27 -22.31
CA ASP A 598 2.82 -9.99 -21.34
C ASP A 598 3.28 -11.44 -21.20
N TRP A 626 9.47 -17.16 -10.50
CA TRP A 626 10.60 -16.35 -10.93
C TRP A 626 10.33 -14.87 -10.69
N PHE A 627 11.27 -14.03 -11.13
CA PHE A 627 11.16 -12.59 -10.96
C PHE A 627 10.32 -11.93 -12.04
N ILE A 628 9.88 -12.68 -13.06
CA ILE A 628 9.16 -12.07 -14.17
C ILE A 628 7.83 -11.49 -13.70
N GLN A 629 7.13 -12.22 -12.84
CA GLN A 629 5.82 -11.76 -12.37
C GLN A 629 5.94 -10.49 -11.55
N VAL A 630 6.84 -10.49 -10.56
CA VAL A 630 6.98 -9.33 -9.69
C VAL A 630 7.52 -8.14 -10.47
N LEU A 631 8.46 -8.38 -11.39
CA LEU A 631 9.01 -7.31 -12.21
C LEU A 631 7.93 -6.69 -13.09
N HIS A 632 7.10 -7.52 -13.72
CA HIS A 632 6.00 -7.01 -14.53
C HIS A 632 5.01 -6.23 -13.67
N LYS A 633 4.70 -6.73 -12.48
CA LYS A 633 3.77 -6.01 -11.60
C LYS A 633 4.32 -4.66 -11.19
N ALA A 634 5.63 -4.60 -10.89
CA ALA A 634 6.25 -3.34 -10.53
C ALA A 634 6.25 -2.36 -11.71
N PHE A 635 6.50 -2.86 -12.91
CA PHE A 635 6.53 -2.00 -14.09
C PHE A 635 5.14 -1.49 -14.43
N SER A 636 4.11 -2.31 -14.25
CA SER A 636 2.76 -1.88 -14.57
C SER A 636 2.28 -0.77 -13.64
N ASP A 637 2.77 -0.77 -12.40
CA ASP A 637 2.35 0.21 -11.40
C ASP A 637 2.82 1.62 -11.72
N LEU A 638 3.73 1.79 -12.68
CA LEU A 638 4.27 3.12 -12.94
C LEU A 638 3.18 4.06 -13.46
N ALA A 639 2.26 3.55 -14.27
CA ALA A 639 1.13 4.38 -14.68
C ALA A 639 0.25 4.74 -13.48
N LEU A 640 0.05 3.80 -12.56
CA LEU A 640 -0.81 4.05 -11.42
C LEU A 640 -0.12 4.93 -10.38
N HIS A 641 1.18 4.74 -10.17
CA HIS A 641 1.90 5.44 -9.11
C HIS A 641 2.51 6.75 -9.58
N ARG A 642 3.26 6.74 -10.69
CA ARG A 642 4.07 7.88 -11.10
C ARG A 642 3.59 8.54 -12.39
N GLY A 643 2.59 8.00 -13.05
CA GLY A 643 2.02 8.64 -14.22
C GLY A 643 2.65 8.30 -15.55
N LEU A 644 3.77 7.57 -15.56
CA LEU A 644 4.42 7.25 -16.82
C LEU A 644 3.62 6.19 -17.57
N PRO A 645 3.41 6.37 -18.88
CA PRO A 645 2.67 5.37 -19.64
C PRO A 645 3.41 4.05 -19.74
N VAL A 646 2.65 2.96 -19.85
CA VAL A 646 3.18 1.62 -20.02
C VAL A 646 2.52 1.03 -21.26
N ILE A 647 3.19 1.16 -22.40
CA ILE A 647 2.62 0.73 -23.69
C ILE A 647 2.99 -0.73 -23.86
N GLU A 648 2.17 -1.61 -23.29
CA GLU A 648 2.41 -3.05 -23.42
C GLU A 648 2.10 -3.52 -24.83
N ALA A 649 3.04 -4.23 -25.44
CA ALA A 649 2.88 -4.72 -26.80
C ALA A 649 3.57 -6.06 -26.98
#